data_7T33
#
_entry.id   7T33
#
_cell.length_a   57.084
_cell.length_b   57.084
_cell.length_c   121.459
_cell.angle_alpha   90.000
_cell.angle_beta   90.000
_cell.angle_gamma   120.000
#
_symmetry.space_group_name_H-M   'P 31'
#
loop_
_entity.id
_entity.type
_entity.pdbx_description
1 polymer 'Putative NAD(P)H nitroreductase'
2 non-polymer 'SULFATE ION'
3 non-polymer 'FLAVIN MONONUCLEOTIDE'
4 non-polymer 'NICOTINIC ACID'
5 water water
#
_entity_poly.entity_id   1
_entity_poly.type   'polypeptide(L)'
_entity_poly.pdbx_seq_one_letter_code
;MTQLTREQVLELFHQRSSTRYYDPTKKISDEDFECILECGRLSPSSVGSEPWKFLVIQNKTLREKMKPFSWGMINQLDNC
SHLVVILAKKNARYDSPFFVDVMARKGLNAEQQQAALTKYKALQEEDMKLLENDRTLFDWCSKQTYIALANMLTGASALG
IDSCPIEGFHYDKMNECLAEEGLFDPQEYAVSVAATFGYRSRDIAKKSRKGLDEVVKWVGKLAAALEHHHHHH
;
_entity_poly.pdbx_strand_id   A,B
#
loop_
_chem_comp.id
_chem_comp.type
_chem_comp.name
_chem_comp.formula
FMN non-polymer 'FLAVIN MONONUCLEOTIDE' 'C17 H21 N4 O9 P'
NIO non-polymer 'NICOTINIC ACID' 'C6 H5 N O2'
SO4 non-polymer 'SULFATE ION' 'O4 S -2'
#
# COMPACT_ATOMS: atom_id res chain seq x y z
N THR A 2 16.93 -7.01 9.69
CA THR A 2 17.53 -5.75 10.13
C THR A 2 18.58 -5.13 9.19
N GLN A 3 19.45 -5.96 8.63
CA GLN A 3 20.40 -5.51 7.62
C GLN A 3 20.54 -6.60 6.57
N LEU A 4 20.37 -6.23 5.30
CA LEU A 4 20.46 -7.17 4.20
C LEU A 4 21.32 -6.55 3.10
N THR A 5 21.81 -7.39 2.21
CA THR A 5 22.54 -6.92 1.05
C THR A 5 21.59 -6.67 -0.13
N ARG A 6 22.06 -5.88 -1.08
CA ARG A 6 21.23 -5.58 -2.24
C ARG A 6 20.82 -6.83 -2.99
N GLU A 7 21.54 -7.93 -2.81
CA GLU A 7 21.12 -9.11 -3.54
C GLU A 7 20.13 -9.93 -2.74
N GLN A 8 20.19 -9.81 -1.41
CA GLN A 8 19.19 -10.42 -0.55
C GLN A 8 17.90 -9.61 -0.55
N VAL A 9 18.04 -8.28 -0.52
CA VAL A 9 16.88 -7.41 -0.56
C VAL A 9 16.10 -7.64 -1.85
N LEU A 10 16.81 -7.65 -2.99
CA LEU A 10 16.11 -7.84 -4.26
C LEU A 10 15.48 -9.22 -4.35
N GLU A 11 16.20 -10.23 -3.88
CA GLU A 11 15.64 -11.57 -3.89
C GLU A 11 14.44 -11.68 -2.95
N LEU A 12 14.46 -10.94 -1.86
CA LEU A 12 13.31 -11.02 -0.91
C LEU A 12 12.03 -10.47 -1.56
N PHE A 13 12.16 -9.54 -2.48
CA PHE A 13 10.96 -8.97 -3.15
C PHE A 13 10.70 -9.72 -4.42
N HIS A 14 11.70 -10.43 -4.92
CA HIS A 14 11.53 -11.20 -6.16
C HIS A 14 10.89 -12.55 -5.80
N GLN A 15 11.25 -13.05 -4.63
CA GLN A 15 10.80 -14.38 -4.20
C GLN A 15 9.32 -14.39 -3.80
N ARG A 16 8.73 -13.28 -3.41
CA ARG A 16 7.31 -13.31 -2.96
C ARG A 16 6.43 -13.48 -4.19
N SER A 17 5.48 -14.40 -4.18
CA SER A 17 4.61 -14.60 -5.37
C SER A 17 3.18 -14.84 -4.92
N SER A 18 2.21 -14.58 -5.79
CA SER A 18 0.79 -14.80 -5.47
C SER A 18 0.49 -16.30 -5.53
N THR A 19 0.17 -16.89 -4.39
CA THR A 19 -0.07 -18.32 -4.28
C THR A 19 -1.57 -18.58 -4.36
N ARG A 20 -2.01 -19.20 -5.47
CA ARG A 20 -3.40 -19.54 -5.71
C ARG A 20 -3.78 -20.98 -5.32
N TYR A 21 -2.83 -21.80 -4.89
CA TYR A 21 -3.10 -23.18 -4.53
C TYR A 21 -2.30 -23.51 -3.28
N TYR A 22 -3.01 -23.80 -2.19
CA TYR A 22 -2.36 -24.00 -0.90
C TYR A 22 -2.39 -25.47 -0.49
N ASP A 23 -1.39 -25.86 0.28
CA ASP A 23 -1.33 -27.19 0.89
C ASP A 23 -2.12 -27.22 2.18
N PRO A 24 -3.29 -27.89 2.22
CA PRO A 24 -4.11 -27.86 3.40
C PRO A 24 -3.47 -28.60 4.56
N THR A 25 -2.39 -29.32 4.33
CA THR A 25 -1.80 -30.07 5.45
C THR A 25 -0.84 -29.21 6.25
N LYS A 26 -0.45 -28.06 5.70
CA LYS A 26 0.54 -27.20 6.38
C LYS A 26 -0.16 -25.98 6.98
N LYS A 27 0.23 -25.59 8.18
CA LYS A 27 -0.44 -24.46 8.85
C LYS A 27 0.58 -23.56 9.52
N ILE A 28 0.33 -22.26 9.57
CA ILE A 28 1.33 -21.33 10.14
C ILE A 28 1.29 -21.38 11.67
N SER A 29 2.45 -21.25 12.29
CA SER A 29 2.48 -21.30 13.76
C SER A 29 1.90 -20.01 14.34
N ASP A 30 1.45 -20.06 15.57
CA ASP A 30 0.83 -18.84 16.11
C ASP A 30 1.89 -17.77 16.29
N GLU A 31 3.14 -18.17 16.51
CA GLU A 31 4.17 -17.14 16.63
C GLU A 31 4.55 -16.60 15.26
N ASP A 32 4.51 -17.44 14.23
CA ASP A 32 4.78 -16.99 12.87
C ASP A 32 3.73 -16.01 12.39
N PHE A 33 2.45 -16.32 12.63
CA PHE A 33 1.39 -15.44 12.16
C PHE A 33 1.30 -14.16 12.97
N GLU A 34 1.58 -14.24 14.27
CA GLU A 34 1.61 -13.03 15.09
C GLU A 34 2.65 -12.05 14.60
N CYS A 35 3.78 -12.55 14.11
CA CYS A 35 4.79 -11.64 13.61
C CYS A 35 4.37 -11.09 12.25
N ILE A 36 3.62 -11.87 11.47
CA ILE A 36 3.03 -11.34 10.24
C ILE A 36 2.08 -10.19 10.56
N LEU A 37 1.19 -10.40 11.54
CA LEU A 37 0.26 -9.34 11.90
C LEU A 37 1.00 -8.11 12.42
N GLU A 38 2.13 -8.31 13.11
CA GLU A 38 2.90 -7.16 13.58
C GLU A 38 3.42 -6.33 12.42
N CYS A 39 3.95 -7.00 11.40
CA CYS A 39 4.27 -6.32 10.14
C CYS A 39 3.16 -5.37 9.71
N GLY A 40 1.91 -5.82 9.83
CA GLY A 40 0.81 -4.93 9.48
C GLY A 40 0.68 -3.79 10.48
N ARG A 41 0.61 -4.13 11.77
CA ARG A 41 0.37 -3.15 12.83
C ARG A 41 1.45 -2.07 12.86
N LEU A 42 2.68 -2.42 12.53
CA LEU A 42 3.82 -1.51 12.60
C LEU A 42 3.95 -0.66 11.35
N SER A 43 3.05 -0.81 10.38
CA SER A 43 3.18 -0.08 9.15
C SER A 43 3.00 1.43 9.36
N PRO A 44 3.64 2.24 8.55
CA PRO A 44 3.36 3.67 8.58
C PRO A 44 1.98 3.96 8.00
N SER A 45 1.47 5.13 8.34
CA SER A 45 0.19 5.57 7.83
C SER A 45 0.19 7.08 7.90
N SER A 46 -0.49 7.70 6.94
CA SER A 46 -0.63 9.14 6.91
C SER A 46 -1.11 9.68 8.26
N VAL A 47 -0.41 10.70 8.75
CA VAL A 47 -0.56 11.37 10.05
C VAL A 47 -0.78 10.40 11.21
N GLY A 48 -0.15 9.23 11.16
CA GLY A 48 -0.29 8.23 12.22
C GLY A 48 -1.70 7.70 12.38
N SER A 49 -2.51 7.77 11.32
CA SER A 49 -3.92 7.49 11.44
C SER A 49 -4.22 6.00 11.68
N GLU A 50 -3.35 5.08 11.22
CA GLU A 50 -3.54 3.64 11.38
C GLU A 50 -5.01 3.24 11.13
N PRO A 51 -5.56 3.57 9.98
CA PRO A 51 -7.02 3.47 9.85
C PRO A 51 -7.52 2.06 9.54
N TRP A 52 -6.92 1.04 10.14
CA TRP A 52 -7.17 -0.35 9.74
C TRP A 52 -7.68 -1.20 10.88
N LYS A 53 -8.22 -2.36 10.53
CA LYS A 53 -8.69 -3.42 11.44
C LYS A 53 -8.43 -4.73 10.71
N PHE A 54 -7.82 -5.68 11.38
CA PHE A 54 -7.50 -6.97 10.77
C PHE A 54 -8.44 -8.04 11.32
N LEU A 55 -9.32 -8.54 10.47
CA LEU A 55 -10.17 -9.68 10.81
C LEU A 55 -9.46 -10.96 10.35
N VAL A 56 -9.16 -11.86 11.29
CA VAL A 56 -8.54 -13.15 10.98
C VAL A 56 -9.63 -14.21 10.98
N ILE A 57 -9.96 -14.72 9.80
CA ILE A 57 -11.12 -15.57 9.59
C ILE A 57 -10.68 -17.03 9.54
N GLN A 58 -10.53 -17.64 10.71
CA GLN A 58 -10.22 -19.05 10.78
C GLN A 58 -11.48 -19.90 10.90
N ASN A 59 -12.62 -19.30 11.25
CA ASN A 59 -13.87 -20.03 11.32
C ASN A 59 -14.18 -20.62 9.96
N LYS A 60 -14.46 -21.93 9.95
CA LYS A 60 -14.59 -22.58 8.67
C LYS A 60 -16.01 -22.42 8.07
N THR A 61 -17.04 -22.24 8.91
CA THR A 61 -18.36 -21.96 8.39
C THR A 61 -18.38 -20.60 7.70
N LEU A 62 -17.69 -19.61 8.28
CA LEU A 62 -17.60 -18.29 7.65
C LEU A 62 -16.86 -18.36 6.32
N ARG A 63 -15.75 -19.11 6.26
CA ARG A 63 -15.04 -19.24 4.98
C ARG A 63 -15.95 -19.81 3.90
N GLU A 64 -16.75 -20.81 4.25
CA GLU A 64 -17.66 -21.42 3.28
C GLU A 64 -18.73 -20.44 2.79
N LYS A 65 -19.23 -19.58 3.69
CA LYS A 65 -20.22 -18.59 3.28
C LYS A 65 -19.65 -17.56 2.31
N MET A 66 -18.33 -17.35 2.32
CA MET A 66 -17.72 -16.35 1.45
C MET A 66 -17.61 -16.85 0.02
N LYS A 67 -17.33 -18.14 -0.10
CA LYS A 67 -17.10 -18.87 -1.37
C LYS A 67 -18.02 -18.41 -2.48
N PRO A 68 -19.33 -18.25 -2.28
CA PRO A 68 -20.23 -17.88 -3.33
C PRO A 68 -20.04 -16.50 -3.96
N PHE A 69 -19.40 -15.58 -3.27
CA PHE A 69 -19.20 -14.23 -3.83
C PHE A 69 -17.72 -13.84 -3.80
N SER A 70 -16.84 -14.82 -3.61
CA SER A 70 -15.38 -14.57 -3.53
C SER A 70 -14.65 -15.39 -4.59
N TRP A 71 -14.95 -15.17 -5.85
CA TRP A 71 -14.34 -15.92 -6.96
C TRP A 71 -12.82 -15.85 -6.97
N GLY A 72 -12.21 -14.74 -6.55
CA GLY A 72 -10.75 -14.60 -6.48
C GLY A 72 -10.06 -15.55 -5.51
N MET A 73 -10.75 -16.08 -4.52
CA MET A 73 -10.09 -16.98 -3.56
C MET A 73 -10.95 -18.22 -3.29
N ILE A 74 -11.89 -18.54 -4.15
CA ILE A 74 -12.77 -19.71 -3.88
C ILE A 74 -11.94 -20.98 -3.75
N ASN A 75 -10.85 -21.11 -4.50
CA ASN A 75 -10.01 -22.34 -4.43
C ASN A 75 -8.83 -22.13 -3.51
N GLN A 76 -8.93 -21.17 -2.59
CA GLN A 76 -7.86 -20.81 -1.66
C GLN A 76 -8.45 -20.83 -0.26
N LEU A 77 -9.75 -20.56 -0.17
CA LEU A 77 -10.49 -20.49 1.12
C LEU A 77 -10.48 -21.84 1.83
N ASP A 78 -10.54 -22.93 1.08
CA ASP A 78 -10.56 -24.27 1.69
C ASP A 78 -9.16 -24.71 2.14
N ASN A 79 -8.09 -24.20 1.55
CA ASN A 79 -6.78 -24.79 1.92
C ASN A 79 -5.84 -23.84 2.66
N CYS A 80 -5.99 -22.54 2.50
CA CYS A 80 -5.00 -21.64 3.16
C CYS A 80 -4.94 -21.81 4.67
N SER A 81 -3.83 -21.48 5.27
CA SER A 81 -3.72 -21.64 6.74
C SER A 81 -4.45 -20.51 7.45
N HIS A 82 -4.33 -19.30 6.91
CA HIS A 82 -4.91 -18.15 7.55
C HIS A 82 -5.50 -17.22 6.49
N LEU A 83 -6.57 -16.54 6.86
CA LEU A 83 -7.22 -15.58 5.98
C LEU A 83 -7.36 -14.28 6.75
N VAL A 84 -6.99 -13.16 6.14
CA VAL A 84 -7.12 -11.86 6.78
C VAL A 84 -7.97 -10.98 5.88
N VAL A 85 -9.02 -10.39 6.45
CA VAL A 85 -9.81 -9.37 5.79
C VAL A 85 -9.51 -8.03 6.48
N ILE A 86 -9.02 -7.06 5.71
CA ILE A 86 -8.59 -5.75 6.27
C ILE A 86 -9.70 -4.74 6.06
N LEU A 87 -10.09 -4.05 7.11
CA LEU A 87 -11.10 -2.98 7.00
C LEU A 87 -10.42 -1.62 7.09
N ALA A 88 -11.02 -0.63 6.48
CA ALA A 88 -10.52 0.75 6.53
C ALA A 88 -11.57 1.59 7.25
N LYS A 89 -11.13 2.58 8.01
CA LYS A 89 -12.05 3.45 8.76
C LYS A 89 -12.91 4.28 7.80
N LYS A 90 -14.20 4.36 8.09
CA LYS A 90 -15.09 5.21 7.28
C LYS A 90 -15.19 6.57 7.96
N ASN A 91 -15.29 7.61 7.16
CA ASN A 91 -15.52 8.98 7.66
C ASN A 91 -14.46 9.43 8.65
N ALA A 92 -13.19 9.26 8.33
CA ALA A 92 -12.12 9.70 9.25
C ALA A 92 -11.84 11.19 9.05
N ARG A 93 -12.82 12.03 9.30
CA ARG A 93 -12.69 13.48 9.10
C ARG A 93 -11.72 14.05 10.10
N TYR A 94 -11.20 15.22 9.82
CA TYR A 94 -10.23 15.84 10.76
C TYR A 94 -10.90 16.13 12.10
N ASP A 95 -12.19 16.45 12.15
CA ASP A 95 -12.93 16.81 13.37
C ASP A 95 -13.70 15.64 13.95
N SER A 96 -13.39 14.41 13.55
CA SER A 96 -14.13 13.22 14.02
C SER A 96 -13.55 12.69 15.30
N PRO A 97 -14.33 11.99 16.14
CA PRO A 97 -13.76 11.30 17.31
C PRO A 97 -12.56 10.43 16.96
N PHE A 98 -12.57 9.82 15.76
CA PHE A 98 -11.43 9.03 15.32
C PHE A 98 -10.14 9.80 15.41
N PHE A 99 -10.18 11.08 15.03
CA PHE A 99 -8.93 11.82 15.09
C PHE A 99 -8.63 12.37 16.48
N VAL A 100 -9.63 12.46 17.37
CA VAL A 100 -9.33 12.79 18.76
C VAL A 100 -8.48 11.70 19.37
N ASP A 101 -8.79 10.43 19.06
CA ASP A 101 -7.95 9.33 19.54
C ASP A 101 -6.55 9.41 18.95
N VAL A 102 -6.44 9.82 17.68
CA VAL A 102 -5.13 9.94 17.04
C VAL A 102 -4.29 10.96 17.78
N MET A 103 -4.85 12.15 18.00
CA MET A 103 -4.14 13.19 18.75
C MET A 103 -3.91 12.78 20.20
N ALA A 104 -4.83 12.03 20.79
CA ALA A 104 -4.66 11.60 22.18
C ALA A 104 -3.51 10.61 22.34
N ARG A 105 -3.25 9.76 21.34
CA ARG A 105 -2.14 8.82 21.46
C ARG A 105 -0.79 9.52 21.41
N LYS A 106 -0.77 10.78 21.01
CA LYS A 106 0.44 11.58 20.92
C LYS A 106 0.53 12.62 22.02
N GLY A 107 -0.41 12.63 22.97
CA GLY A 107 -0.39 13.56 24.08
C GLY A 107 -0.34 15.01 23.65
N LEU A 108 -1.44 15.51 23.08
CA LEU A 108 -1.45 16.84 22.47
C LEU A 108 -2.32 17.74 23.35
N ASN A 109 -1.74 18.84 23.82
CA ASN A 109 -2.49 19.76 24.67
C ASN A 109 -3.52 20.51 23.84
N ALA A 110 -4.31 21.36 24.48
CA ALA A 110 -5.35 22.09 23.77
C ALA A 110 -4.77 22.95 22.64
N GLU A 111 -3.54 23.45 22.82
CA GLU A 111 -2.93 24.25 21.77
C GLU A 111 -2.33 23.37 20.69
N GLN A 112 -1.67 22.28 21.07
CA GLN A 112 -1.11 21.37 20.10
C GLN A 112 -2.20 20.72 19.24
N GLN A 113 -3.36 20.46 19.83
CA GLN A 113 -4.45 19.85 19.07
C GLN A 113 -5.00 20.81 18.03
N GLN A 114 -5.10 22.10 18.37
CA GLN A 114 -5.68 23.06 17.42
C GLN A 114 -4.74 23.34 16.25
N ALA A 115 -3.43 23.24 16.48
CA ALA A 115 -2.47 23.34 15.39
C ALA A 115 -2.52 22.10 14.50
N ALA A 116 -2.51 20.92 15.11
CA ALA A 116 -2.65 19.67 14.39
C ALA A 116 -4.01 19.58 13.69
N LEU A 117 -5.06 20.14 14.29
CA LEU A 117 -6.35 20.12 13.62
C LEU A 117 -6.34 20.97 12.36
N THR A 118 -5.70 22.14 12.38
CA THR A 118 -5.68 22.93 11.15
C THR A 118 -4.78 22.27 10.10
N LYS A 119 -3.75 21.52 10.53
CA LYS A 119 -2.94 20.77 9.57
C LYS A 119 -3.73 19.62 8.92
N TYR A 120 -4.50 18.88 9.71
CA TYR A 120 -5.35 17.82 9.17
C TYR A 120 -6.37 18.37 8.20
N LYS A 121 -7.06 19.44 8.59
CA LYS A 121 -8.04 20.09 7.73
C LYS A 121 -7.45 20.45 6.37
N ALA A 122 -6.32 21.16 6.38
CA ALA A 122 -5.68 21.56 5.13
C ALA A 122 -5.29 20.34 4.31
N LEU A 123 -4.85 19.27 4.97
CA LEU A 123 -4.51 18.05 4.27
C LEU A 123 -5.75 17.45 3.60
N GLN A 124 -6.85 17.31 4.36
CA GLN A 124 -8.03 16.62 3.86
C GLN A 124 -8.88 17.48 2.92
N GLU A 125 -9.01 18.79 3.20
CA GLU A 125 -9.95 19.61 2.47
C GLU A 125 -9.30 20.35 1.31
N GLU A 126 -8.07 20.82 1.49
CA GLU A 126 -7.40 21.61 0.47
C GLU A 126 -6.40 20.79 -0.35
N ASP A 127 -5.51 20.04 0.32
CA ASP A 127 -4.39 19.39 -0.37
C ASP A 127 -4.82 18.15 -1.13
N MET A 128 -5.70 17.32 -0.56
CA MET A 128 -6.09 16.09 -1.23
C MET A 128 -7.54 16.08 -1.68
N LYS A 129 -8.30 17.08 -1.26
CA LYS A 129 -9.74 17.19 -1.59
C LYS A 129 -10.46 15.89 -1.27
N LEU A 130 -10.45 15.51 -0.01
CA LEU A 130 -11.05 14.25 0.42
C LEU A 130 -12.47 14.45 0.93
N LEU A 131 -12.90 15.67 1.21
CA LEU A 131 -14.21 15.81 1.87
C LEU A 131 -15.29 16.16 0.86
N GLU A 132 -15.15 15.72 -0.37
CA GLU A 132 -16.22 16.00 -1.35
C GLU A 132 -17.30 14.99 -1.06
N ASN A 133 -16.95 13.73 -0.89
CA ASN A 133 -17.98 12.73 -0.53
C ASN A 133 -17.38 11.64 0.35
N ASP A 134 -18.18 10.71 0.79
CA ASP A 134 -17.69 9.65 1.71
C ASP A 134 -16.70 8.69 1.07
N ARG A 135 -16.84 8.42 -0.22
CA ARG A 135 -16.00 7.42 -0.88
C ARG A 135 -14.56 7.88 -0.99
N THR A 136 -14.35 9.16 -1.31
CA THR A 136 -12.98 9.65 -1.46
C THR A 136 -12.25 9.65 -0.13
N LEU A 137 -12.96 9.95 0.96
CA LEU A 137 -12.33 9.95 2.27
C LEU A 137 -12.04 8.52 2.73
N PHE A 138 -13.00 7.62 2.53
CA PHE A 138 -12.77 6.21 2.83
C PHE A 138 -11.61 5.66 2.00
N ASP A 139 -11.52 6.03 0.71
CA ASP A 139 -10.45 5.48 -0.13
C ASP A 139 -9.07 5.97 0.34
N TRP A 140 -9.03 7.14 1.00
CA TRP A 140 -7.77 7.60 1.57
C TRP A 140 -7.31 6.67 2.68
N CYS A 141 -8.21 6.29 3.60
CA CYS A 141 -7.80 5.33 4.62
C CYS A 141 -7.56 3.96 4.03
N SER A 142 -8.29 3.62 2.97
CA SER A 142 -8.08 2.33 2.34
C SER A 142 -6.71 2.27 1.69
N LYS A 143 -6.19 3.40 1.20
CA LYS A 143 -4.83 3.45 0.70
C LYS A 143 -3.82 3.11 1.78
N GLN A 144 -3.97 3.71 2.97
CA GLN A 144 -3.07 3.35 4.06
C GLN A 144 -3.11 1.85 4.34
N THR A 145 -4.30 1.23 4.28
CA THR A 145 -4.39 -0.20 4.57
C THR A 145 -3.63 -1.03 3.55
N TYR A 146 -3.47 -0.51 2.33
CA TYR A 146 -2.64 -1.21 1.35
C TYR A 146 -1.16 -1.16 1.73
N ILE A 147 -0.76 -0.21 2.56
CA ILE A 147 0.59 -0.25 3.11
C ILE A 147 0.74 -1.42 4.06
N ALA A 148 -0.20 -1.58 4.99
CA ALA A 148 -0.13 -2.70 5.91
C ALA A 148 -0.22 -4.03 5.18
N LEU A 149 -1.05 -4.10 4.14
CA LEU A 149 -1.14 -5.31 3.33
C LEU A 149 0.21 -5.66 2.72
N ALA A 150 0.84 -4.68 2.09
CA ALA A 150 2.14 -4.90 1.45
C ALA A 150 3.16 -5.42 2.46
N ASN A 151 3.16 -4.86 3.67
CA ASN A 151 4.14 -5.27 4.67
C ASN A 151 3.86 -6.66 5.23
N MET A 152 2.59 -7.05 5.32
CA MET A 152 2.29 -8.41 5.77
C MET A 152 2.75 -9.44 4.74
N LEU A 153 2.55 -9.15 3.44
CA LEU A 153 3.02 -10.04 2.38
C LEU A 153 4.52 -10.21 2.45
N THR A 154 5.24 -9.10 2.60
CA THR A 154 6.70 -9.12 2.62
C THR A 154 7.22 -9.79 3.87
N GLY A 155 6.63 -9.49 5.02
CA GLY A 155 7.06 -10.15 6.24
C GLY A 155 6.80 -11.64 6.20
N ALA A 156 5.68 -12.04 5.60
CA ALA A 156 5.39 -13.45 5.45
C ALA A 156 6.43 -14.13 4.60
N SER A 157 6.83 -13.48 3.50
CA SER A 157 7.74 -14.12 2.57
C SER A 157 9.14 -14.20 3.15
N ALA A 158 9.50 -13.27 4.03
CA ALA A 158 10.76 -13.39 4.74
C ALA A 158 10.75 -14.53 5.76
N LEU A 159 9.59 -14.95 6.24
CA LEU A 159 9.49 -16.10 7.14
C LEU A 159 9.25 -17.43 6.42
N GLY A 160 9.34 -17.45 5.09
CA GLY A 160 9.10 -18.64 4.30
C GLY A 160 7.64 -18.96 4.04
N ILE A 161 6.72 -18.04 4.35
CA ILE A 161 5.29 -18.28 4.24
C ILE A 161 4.76 -17.59 3.00
N ASP A 162 4.00 -18.33 2.19
CA ASP A 162 3.44 -17.82 0.97
C ASP A 162 2.17 -17.03 1.25
N SER A 163 1.71 -16.30 0.24
CA SER A 163 0.57 -15.41 0.43
C SER A 163 -0.04 -15.12 -0.92
N CYS A 164 -1.22 -14.52 -0.88
CA CYS A 164 -1.90 -13.96 -2.03
C CYS A 164 -2.76 -12.79 -1.56
N PRO A 165 -2.61 -11.58 -2.11
CA PRO A 165 -3.50 -10.48 -1.80
C PRO A 165 -4.78 -10.71 -2.60
N ILE A 166 -5.93 -10.29 -2.07
CA ILE A 166 -7.22 -10.60 -2.75
C ILE A 166 -8.13 -9.38 -2.86
N GLU A 167 -8.59 -9.09 -4.06
CA GLU A 167 -9.64 -8.07 -4.28
C GLU A 167 -10.80 -8.74 -5.00
N GLY A 168 -10.65 -10.00 -5.37
CA GLY A 168 -11.63 -10.72 -6.18
C GLY A 168 -12.83 -11.20 -5.42
N PHE A 169 -13.67 -10.28 -5.01
CA PHE A 169 -14.93 -10.60 -4.31
C PHE A 169 -15.89 -9.42 -4.47
N HIS A 170 -17.16 -9.67 -4.21
CA HIS A 170 -18.20 -8.61 -4.28
C HIS A 170 -18.16 -7.82 -2.98
N TYR A 171 -17.66 -6.60 -3.01
CA TYR A 171 -17.48 -5.79 -1.79
C TYR A 171 -18.80 -5.67 -1.04
N ASP A 172 -19.87 -5.29 -1.72
CA ASP A 172 -21.19 -5.12 -1.08
C ASP A 172 -21.63 -6.40 -0.36
N LYS A 173 -21.43 -7.56 -0.96
CA LYS A 173 -21.87 -8.79 -0.30
C LYS A 173 -20.89 -9.16 0.80
N MET A 174 -19.62 -8.88 0.62
CA MET A 174 -18.69 -9.24 1.70
C MET A 174 -18.91 -8.31 2.89
N ASN A 175 -19.18 -7.03 2.63
CA ASN A 175 -19.50 -6.09 3.71
C ASN A 175 -20.72 -6.57 4.50
N GLU A 176 -21.81 -6.89 3.79
CA GLU A 176 -23.03 -7.30 4.48
C GLU A 176 -22.82 -8.61 5.24
N CYS A 177 -22.19 -9.59 4.58
CA CYS A 177 -21.98 -10.86 5.28
C CYS A 177 -21.21 -10.65 6.57
N LEU A 178 -20.16 -9.82 6.54
CA LEU A 178 -19.32 -9.69 7.72
C LEU A 178 -19.95 -8.80 8.80
N ALA A 179 -20.72 -7.79 8.39
CA ALA A 179 -21.36 -6.93 9.38
C ALA A 179 -22.55 -7.63 10.05
N GLU A 180 -23.23 -8.51 9.31
CA GLU A 180 -24.36 -9.24 9.88
C GLU A 180 -23.90 -10.37 10.78
N GLU A 181 -22.70 -10.89 10.53
CA GLU A 181 -22.03 -11.77 11.48
C GLU A 181 -21.46 -11.01 12.64
N GLY A 182 -21.81 -9.73 12.80
CA GLY A 182 -21.37 -8.96 13.94
C GLY A 182 -19.86 -8.80 14.10
N LEU A 183 -19.12 -8.74 13.00
CA LEU A 183 -17.68 -8.64 13.16
C LEU A 183 -17.16 -7.21 13.08
N PHE A 184 -17.92 -6.27 12.51
CA PHE A 184 -17.56 -4.87 12.64
C PHE A 184 -18.83 -4.02 12.49
N ASP A 185 -18.74 -2.76 12.91
CA ASP A 185 -19.81 -1.79 12.80
C ASP A 185 -19.78 -1.17 11.41
N PRO A 186 -20.79 -1.47 10.57
CA PRO A 186 -20.72 -1.03 9.15
C PRO A 186 -20.79 0.49 8.96
N GLN A 187 -21.03 1.27 10.02
CA GLN A 187 -20.98 2.73 9.87
C GLN A 187 -19.61 3.31 10.22
N GLU A 188 -18.74 2.54 10.86
CA GLU A 188 -17.40 2.96 11.20
C GLU A 188 -16.33 2.39 10.29
N TYR A 189 -16.56 1.21 9.73
CA TYR A 189 -15.56 0.55 8.89
C TYR A 189 -16.26 -0.16 7.74
N ALA A 190 -15.49 -0.46 6.71
CA ALA A 190 -15.90 -1.19 5.50
C ALA A 190 -14.68 -1.94 4.99
N VAL A 191 -14.90 -3.06 4.30
CA VAL A 191 -13.80 -3.90 3.79
C VAL A 191 -12.96 -3.14 2.77
N SER A 192 -11.65 -3.25 2.89
CA SER A 192 -10.68 -2.58 2.01
C SER A 192 -9.97 -3.53 1.03
N VAL A 193 -9.52 -4.66 1.54
CA VAL A 193 -8.76 -5.70 0.77
C VAL A 193 -8.59 -6.93 1.66
N ALA A 194 -8.28 -8.08 1.08
CA ALA A 194 -8.07 -9.32 1.87
C ALA A 194 -6.77 -9.99 1.50
N ALA A 195 -6.39 -11.04 2.23
CA ALA A 195 -5.14 -11.76 1.96
C ALA A 195 -5.15 -13.18 2.53
N THR A 196 -4.65 -14.13 1.75
CA THR A 196 -4.50 -15.48 2.24
C THR A 196 -3.03 -15.75 2.52
N PHE A 197 -2.80 -16.67 3.46
CA PHE A 197 -1.47 -17.03 3.89
C PHE A 197 -1.39 -18.54 4.05
N GLY A 198 -0.21 -19.09 3.73
CA GLY A 198 -0.03 -20.52 3.82
C GLY A 198 1.24 -20.95 3.11
N TYR A 199 1.24 -22.21 2.69
CA TYR A 199 2.38 -22.79 1.96
C TYR A 199 1.86 -23.28 0.63
N ARG A 200 2.55 -22.91 -0.45
CA ARG A 200 2.20 -23.28 -1.85
C ARG A 200 2.13 -24.79 -2.02
N SER A 201 1.19 -25.22 -2.85
CA SER A 201 1.02 -26.66 -3.13
C SER A 201 1.68 -26.90 -4.47
N ARG A 202 1.39 -26.00 -5.42
CA ARG A 202 1.92 -26.01 -6.80
C ARG A 202 3.31 -25.35 -6.84
N ASP A 203 3.80 -25.12 -8.05
CA ASP A 203 5.11 -24.47 -8.24
C ASP A 203 4.92 -22.96 -8.33
N ILE A 204 5.99 -22.22 -8.07
CA ILE A 204 5.95 -20.74 -8.19
C ILE A 204 6.33 -20.40 -9.61
N ALA A 205 5.50 -19.62 -10.28
CA ALA A 205 5.70 -19.28 -11.71
C ALA A 205 6.72 -18.18 -11.94
N LYS A 206 6.88 -17.87 -13.22
CA LYS A 206 7.81 -16.88 -13.77
C LYS A 206 7.36 -15.49 -13.35
N LYS A 207 8.21 -14.77 -12.64
CA LYS A 207 7.92 -13.40 -12.20
C LYS A 207 7.78 -12.54 -13.46
N SER A 208 6.68 -11.81 -13.63
CA SER A 208 6.53 -11.00 -14.85
C SER A 208 6.19 -9.56 -14.49
N ARG A 209 7.05 -8.62 -14.85
CA ARG A 209 6.80 -7.20 -14.57
C ARG A 209 7.33 -6.36 -15.74
N LYS A 210 6.93 -5.11 -15.81
CA LYS A 210 7.43 -4.16 -16.82
C LYS A 210 8.90 -3.83 -16.55
N GLY A 211 9.60 -3.34 -17.56
CA GLY A 211 11.00 -3.03 -17.36
C GLY A 211 11.20 -1.83 -16.45
N LEU A 212 12.34 -1.81 -15.78
CA LEU A 212 12.67 -0.67 -14.94
C LEU A 212 12.79 0.62 -15.75
N ASP A 213 13.26 0.53 -17.00
CA ASP A 213 13.40 1.74 -17.79
C ASP A 213 12.05 2.27 -18.26
N GLU A 214 11.01 1.43 -18.29
CA GLU A 214 9.70 1.92 -18.64
C GLU A 214 8.97 2.57 -17.46
N VAL A 215 9.24 2.14 -16.22
CA VAL A 215 8.46 2.65 -15.10
C VAL A 215 9.17 3.74 -14.32
N VAL A 216 10.44 4.02 -14.60
CA VAL A 216 11.22 5.07 -13.93
C VAL A 216 11.57 6.14 -14.93
N LYS A 217 11.28 7.39 -14.58
CA LYS A 217 11.85 8.56 -15.26
C LYS A 217 12.68 9.32 -14.26
N TRP A 218 13.99 9.43 -14.52
CA TRP A 218 14.88 10.23 -13.70
C TRP A 218 14.81 11.68 -14.16
N VAL A 219 14.82 12.60 -13.21
CA VAL A 219 14.78 14.04 -13.50
C VAL A 219 16.05 14.65 -12.91
N GLY A 220 17.06 14.86 -13.76
CA GLY A 220 18.30 15.52 -13.39
C GLY A 220 18.44 16.90 -14.03
N THR B 2 16.28 -12.81 1.98
CA THR B 2 15.68 -14.05 1.48
C THR B 2 15.05 -14.91 2.58
N GLN B 3 15.70 -15.00 3.73
CA GLN B 3 15.11 -15.67 4.88
C GLN B 3 15.52 -14.95 6.15
N LEU B 4 14.53 -14.63 6.98
CA LEU B 4 14.79 -13.93 8.25
C LEU B 4 14.07 -14.63 9.38
N THR B 5 14.54 -14.42 10.60
CA THR B 5 13.89 -15.00 11.80
C THR B 5 12.82 -14.01 12.26
N ARG B 6 11.98 -14.43 13.19
CA ARG B 6 10.90 -13.55 13.69
C ARG B 6 11.49 -12.32 14.40
N GLU B 7 12.62 -12.47 15.09
CA GLU B 7 13.25 -11.33 15.77
C GLU B 7 13.78 -10.35 14.73
N GLN B 8 14.25 -10.84 13.60
CA GLN B 8 14.81 -10.00 12.53
C GLN B 8 13.68 -9.28 11.79
N VAL B 9 12.63 -9.99 11.44
CA VAL B 9 11.47 -9.41 10.71
C VAL B 9 10.84 -8.32 11.56
N LEU B 10 10.61 -8.61 12.82
CA LEU B 10 10.01 -7.64 13.75
C LEU B 10 10.94 -6.45 13.89
N GLU B 11 12.22 -6.71 14.05
CA GLU B 11 13.14 -5.58 14.16
C GLU B 11 13.19 -4.78 12.87
N LEU B 12 13.03 -5.44 11.72
CA LEU B 12 13.05 -4.73 10.45
C LEU B 12 11.89 -3.72 10.35
N PHE B 13 10.72 -4.07 10.87
CA PHE B 13 9.59 -3.15 10.82
C PHE B 13 9.54 -2.19 12.00
N HIS B 14 10.22 -2.48 13.11
CA HIS B 14 10.37 -1.49 14.18
C HIS B 14 11.37 -0.42 13.82
N GLN B 15 12.40 -0.78 13.05
CA GLN B 15 13.50 0.13 12.76
C GLN B 15 13.12 1.14 11.70
N ARG B 16 12.21 0.77 10.78
CA ARG B 16 11.77 1.71 9.77
C ARG B 16 10.95 2.80 10.45
N SER B 17 11.37 4.03 10.30
CA SER B 17 10.68 5.16 10.90
C SER B 17 10.60 6.29 9.87
N SER B 18 9.68 7.23 10.10
CA SER B 18 9.55 8.38 9.21
C SER B 18 10.58 9.44 9.59
N THR B 19 11.48 9.73 8.67
CA THR B 19 12.63 10.60 8.90
C THR B 19 12.33 11.99 8.38
N ARG B 20 12.22 12.96 9.30
CA ARG B 20 11.99 14.35 8.90
C ARG B 20 13.29 15.15 8.77
N TYR B 21 14.44 14.58 9.14
CA TYR B 21 15.71 15.30 9.16
C TYR B 21 16.80 14.41 8.59
N TYR B 22 17.32 14.82 7.42
CA TYR B 22 18.35 14.09 6.71
C TYR B 22 19.67 14.85 6.79
N ASP B 23 20.76 14.09 6.77
CA ASP B 23 22.12 14.60 6.71
C ASP B 23 22.45 14.95 5.26
N PRO B 24 22.57 16.24 4.94
CA PRO B 24 22.81 16.64 3.53
C PRO B 24 24.15 16.23 2.99
N THR B 25 25.10 15.81 3.84
CA THR B 25 26.41 15.39 3.36
C THR B 25 26.45 13.93 2.92
N LYS B 26 25.34 13.19 3.07
CA LYS B 26 25.34 11.75 2.76
C LYS B 26 24.43 11.44 1.59
N LYS B 27 24.96 10.81 0.55
CA LYS B 27 24.06 10.52 -0.58
C LYS B 27 23.93 9.02 -0.75
N ILE B 28 22.79 8.58 -1.23
CA ILE B 28 22.60 7.13 -1.50
C ILE B 28 23.28 6.85 -2.82
N SER B 29 24.00 5.75 -2.90
CA SER B 29 24.67 5.39 -4.13
C SER B 29 23.64 5.06 -5.20
N ASP B 30 24.07 5.06 -6.46
CA ASP B 30 23.16 4.76 -7.55
C ASP B 30 22.76 3.30 -7.51
N GLU B 31 23.66 2.44 -7.02
CA GLU B 31 23.37 1.00 -6.93
C GLU B 31 22.39 0.72 -5.80
N ASP B 32 22.54 1.40 -4.67
CA ASP B 32 21.57 1.26 -3.59
C ASP B 32 20.22 1.78 -4.04
N PHE B 33 20.18 2.92 -4.72
CA PHE B 33 18.88 3.47 -5.06
C PHE B 33 18.18 2.69 -6.15
N GLU B 34 18.93 2.09 -7.08
CA GLU B 34 18.27 1.20 -8.04
C GLU B 34 17.65 0.01 -7.34
N CYS B 35 18.26 -0.48 -6.26
CA CYS B 35 17.68 -1.63 -5.58
C CYS B 35 16.41 -1.23 -4.83
N ILE B 36 16.34 0.01 -4.34
CA ILE B 36 15.09 0.53 -3.77
C ILE B 36 14.01 0.61 -4.86
N LEU B 37 14.34 1.12 -6.04
CA LEU B 37 13.35 1.21 -7.12
C LEU B 37 12.85 -0.16 -7.57
N GLU B 38 13.69 -1.19 -7.52
CA GLU B 38 13.22 -2.53 -7.90
C GLU B 38 12.15 -3.05 -6.95
N CYS B 39 12.38 -2.91 -5.65
CA CYS B 39 11.37 -3.16 -4.63
C CYS B 39 10.00 -2.65 -5.03
N GLY B 40 9.93 -1.43 -5.57
CA GLY B 40 8.64 -0.94 -6.08
C GLY B 40 8.19 -1.69 -7.33
N ARG B 41 9.10 -1.84 -8.30
CA ARG B 41 8.76 -2.47 -9.59
C ARG B 41 8.22 -3.89 -9.42
N LEU B 42 8.76 -4.62 -8.45
CA LEU B 42 8.41 -6.02 -8.23
C LEU B 42 7.18 -6.18 -7.35
N SER B 43 6.59 -5.08 -6.90
CA SER B 43 5.46 -5.17 -5.98
C SER B 43 4.27 -5.86 -6.65
N PRO B 44 3.45 -6.57 -5.90
CA PRO B 44 2.23 -7.11 -6.47
C PRO B 44 1.29 -5.98 -6.81
N SER B 45 0.33 -6.27 -7.69
CA SER B 45 -0.69 -5.30 -8.04
C SER B 45 -1.93 -6.05 -8.51
N SER B 46 -3.08 -5.46 -8.25
CA SER B 46 -4.34 -6.05 -8.68
C SER B 46 -4.31 -6.37 -10.17
N VAL B 47 -4.72 -7.59 -10.50
CA VAL B 47 -4.72 -8.18 -11.85
C VAL B 47 -3.44 -7.87 -12.62
N GLY B 48 -2.32 -7.73 -11.92
CA GLY B 48 -1.03 -7.45 -12.54
C GLY B 48 -1.03 -6.15 -13.30
N SER B 49 -1.82 -5.21 -12.84
CA SER B 49 -1.99 -3.91 -13.51
C SER B 49 -0.72 -3.06 -13.47
N GLU B 50 0.08 -3.16 -12.41
CA GLU B 50 1.33 -2.38 -12.23
C GLU B 50 1.08 -0.93 -12.62
N PRO B 51 0.08 -0.24 -12.05
CA PRO B 51 -0.30 1.07 -12.52
C PRO B 51 0.47 2.27 -12.02
N TRP B 52 1.78 2.16 -11.93
CA TRP B 52 2.68 3.17 -11.36
C TRP B 52 3.77 3.65 -12.30
N LYS B 53 4.29 4.82 -12.00
CA LYS B 53 5.45 5.41 -12.70
C LYS B 53 6.25 6.08 -11.60
N PHE B 54 7.55 5.87 -11.54
CA PHE B 54 8.33 6.50 -10.45
C PHE B 54 9.16 7.68 -10.98
N LEU B 55 8.84 8.89 -10.55
CA LEU B 55 9.65 10.06 -10.90
C LEU B 55 10.72 10.30 -9.83
N VAL B 56 11.99 10.27 -10.21
CA VAL B 56 13.05 10.55 -9.27
C VAL B 56 13.49 11.99 -9.50
N ILE B 57 13.19 12.86 -8.52
CA ILE B 57 13.33 14.30 -8.68
C ILE B 57 14.65 14.70 -8.02
N GLN B 58 15.75 14.65 -8.78
CA GLN B 58 17.04 15.06 -8.26
C GLN B 58 17.41 16.50 -8.62
N ASN B 59 16.70 17.11 -9.57
CA ASN B 59 16.93 18.52 -9.93
C ASN B 59 16.60 19.43 -8.75
N LYS B 60 17.56 20.31 -8.39
CA LYS B 60 17.34 21.15 -7.21
C LYS B 60 16.51 22.37 -7.53
N THR B 61 16.42 22.76 -8.81
CA THR B 61 15.49 23.80 -9.20
C THR B 61 14.05 23.31 -9.13
N LEU B 62 13.80 22.07 -9.56
CA LEU B 62 12.47 21.51 -9.45
C LEU B 62 12.07 21.32 -7.98
N ARG B 63 12.99 20.82 -7.16
CA ARG B 63 12.68 20.70 -5.72
C ARG B 63 12.31 22.05 -5.13
N GLU B 64 13.11 23.09 -5.46
CA GLU B 64 12.82 24.41 -4.94
C GLU B 64 11.46 24.92 -5.43
N LYS B 65 11.09 24.58 -6.66
CA LYS B 65 9.76 24.94 -7.13
C LYS B 65 8.67 24.23 -6.34
N MET B 66 8.99 23.07 -5.74
CA MET B 66 7.98 22.34 -4.98
C MET B 66 7.78 22.92 -3.57
N LYS B 67 8.83 23.50 -2.97
CA LYS B 67 8.75 23.93 -1.58
C LYS B 67 7.53 24.78 -1.23
N PRO B 68 7.07 25.73 -2.07
CA PRO B 68 5.94 26.55 -1.64
C PRO B 68 4.67 25.78 -1.33
N PHE B 69 4.41 24.66 -2.02
CA PHE B 69 3.18 23.93 -1.80
C PHE B 69 3.41 22.55 -1.20
N SER B 70 4.58 22.32 -0.60
CA SER B 70 4.89 21.00 -0.06
C SER B 70 5.25 21.07 1.43
N TRP B 71 4.37 21.66 2.21
CA TRP B 71 4.60 21.89 3.66
C TRP B 71 5.02 20.62 4.38
N GLY B 72 4.52 19.47 3.94
CA GLY B 72 4.84 18.17 4.54
C GLY B 72 6.30 17.76 4.40
N MET B 73 7.00 18.37 3.46
CA MET B 73 8.34 17.97 2.99
C MET B 73 9.29 19.15 2.95
N ILE B 74 8.87 20.34 3.35
CA ILE B 74 9.68 21.58 3.16
C ILE B 74 11.15 21.45 3.50
N ASN B 75 11.50 20.94 4.66
CA ASN B 75 12.93 20.85 5.01
C ASN B 75 13.56 19.58 4.43
N GLN B 76 12.76 18.59 4.12
CA GLN B 76 13.30 17.35 3.54
C GLN B 76 13.74 17.64 2.12
N LEU B 77 13.06 18.54 1.44
CA LEU B 77 13.42 18.83 0.03
C LEU B 77 14.84 19.36 -0.10
N ASP B 78 15.33 20.07 0.92
CA ASP B 78 16.69 20.66 0.95
C ASP B 78 17.72 19.64 1.42
N ASN B 79 17.37 18.57 2.12
CA ASN B 79 18.45 17.71 2.64
C ASN B 79 18.32 16.23 2.26
N CYS B 80 17.19 15.77 1.78
CA CYS B 80 17.11 14.32 1.46
C CYS B 80 17.96 13.98 0.24
N SER B 81 18.54 12.79 0.21
CA SER B 81 19.36 12.37 -0.95
C SER B 81 18.50 12.24 -2.20
N HIS B 82 17.37 11.57 -2.08
CA HIS B 82 16.54 11.26 -3.25
C HIS B 82 15.07 11.51 -2.92
N LEU B 83 14.32 11.93 -3.94
CA LEU B 83 12.89 12.16 -3.82
C LEU B 83 12.20 11.39 -4.92
N VAL B 84 11.15 10.65 -4.57
CA VAL B 84 10.36 9.90 -5.55
C VAL B 84 8.93 10.36 -5.45
N VAL B 85 8.37 10.80 -6.59
CA VAL B 85 6.94 11.07 -6.70
C VAL B 85 6.35 9.94 -7.52
N ILE B 86 5.37 9.25 -6.95
CA ILE B 86 4.77 8.08 -7.55
C ILE B 86 3.48 8.51 -8.22
N LEU B 87 3.37 8.25 -9.52
CA LEU B 87 2.15 8.48 -10.26
C LEU B 87 1.33 7.22 -10.32
N ALA B 88 0.02 7.40 -10.51
CA ALA B 88 -0.90 6.29 -10.74
C ALA B 88 -1.62 6.51 -12.06
N LYS B 89 -1.93 5.40 -12.72
CA LYS B 89 -2.60 5.49 -14.03
C LYS B 89 -4.03 6.00 -13.89
N LYS B 90 -4.41 6.90 -14.78
CA LYS B 90 -5.79 7.38 -14.78
C LYS B 90 -6.58 6.60 -15.81
N ASN B 91 -7.88 6.46 -15.58
CA ASN B 91 -8.82 5.84 -16.54
C ASN B 91 -8.34 4.45 -16.95
N ALA B 92 -8.06 3.58 -16.00
CA ALA B 92 -7.59 2.22 -16.28
C ALA B 92 -8.77 1.27 -16.40
N ARG B 93 -9.68 1.52 -17.34
CA ARG B 93 -10.88 0.69 -17.52
C ARG B 93 -10.49 -0.65 -18.12
N TYR B 94 -11.29 -1.68 -17.85
CA TYR B 94 -11.03 -3.05 -18.37
C TYR B 94 -10.98 -3.05 -19.89
N ASP B 95 -11.59 -2.08 -20.56
CA ASP B 95 -11.58 -2.07 -22.02
C ASP B 95 -10.58 -1.04 -22.60
N SER B 96 -9.66 -0.55 -21.78
CA SER B 96 -8.71 0.47 -22.20
C SER B 96 -7.49 -0.14 -22.89
N PRO B 97 -6.76 0.66 -23.68
CA PRO B 97 -5.45 0.18 -24.18
C PRO B 97 -4.53 -0.26 -23.07
N PHE B 98 -4.59 0.43 -21.92
CA PHE B 98 -3.77 0.03 -20.79
C PHE B 98 -3.99 -1.44 -20.47
N PHE B 99 -5.23 -1.90 -20.53
CA PHE B 99 -5.47 -3.30 -20.24
C PHE B 99 -5.21 -4.22 -21.42
N VAL B 100 -5.15 -3.67 -22.65
CA VAL B 100 -4.62 -4.47 -23.75
C VAL B 100 -3.14 -4.77 -23.53
N ASP B 101 -2.38 -3.77 -23.03
CA ASP B 101 -0.99 -4.01 -22.68
C ASP B 101 -0.87 -5.03 -21.55
N VAL B 102 -1.76 -4.95 -20.56
CA VAL B 102 -1.70 -5.88 -19.44
C VAL B 102 -1.91 -7.30 -19.94
N MET B 103 -2.96 -7.51 -20.73
CA MET B 103 -3.22 -8.84 -21.30
C MET B 103 -2.10 -9.25 -22.24
N ALA B 104 -1.52 -8.29 -22.98
CA ALA B 104 -0.46 -8.63 -23.93
C ALA B 104 0.81 -9.12 -23.23
N ARG B 105 1.15 -8.57 -22.06
CA ARG B 105 2.31 -9.04 -21.32
C ARG B 105 2.08 -10.43 -20.78
N LYS B 106 0.83 -10.93 -20.82
CA LYS B 106 0.50 -12.27 -20.28
C LYS B 106 0.25 -13.22 -21.44
N GLY B 107 0.28 -12.64 -22.61
CA GLY B 107 0.17 -13.41 -23.86
C GLY B 107 -1.15 -14.11 -24.03
N LEU B 108 -2.23 -13.36 -24.10
CA LEU B 108 -3.53 -14.02 -24.21
C LEU B 108 -4.04 -13.92 -25.63
N ASN B 109 -4.67 -14.99 -26.12
CA ASN B 109 -5.24 -15.02 -27.49
C ASN B 109 -6.62 -14.38 -27.49
N ALA B 110 -7.32 -14.41 -28.62
CA ALA B 110 -8.62 -13.73 -28.67
C ALA B 110 -9.63 -14.32 -27.68
N GLU B 111 -9.60 -15.62 -27.45
CA GLU B 111 -10.52 -16.27 -26.51
C GLU B 111 -10.13 -15.91 -25.07
N GLN B 112 -8.84 -15.95 -24.75
CA GLN B 112 -8.43 -15.65 -23.38
C GLN B 112 -8.65 -14.19 -23.05
N GLN B 113 -8.47 -13.31 -24.04
CA GLN B 113 -8.66 -11.88 -23.80
C GLN B 113 -10.13 -11.58 -23.54
N GLN B 114 -11.05 -12.26 -24.24
CA GLN B 114 -12.47 -12.00 -24.01
C GLN B 114 -12.96 -12.62 -22.71
N ALA B 115 -12.33 -13.69 -22.26
CA ALA B 115 -12.65 -14.23 -20.93
C ALA B 115 -12.08 -13.33 -19.83
N ALA B 116 -10.81 -12.94 -19.95
CA ALA B 116 -10.22 -12.04 -18.97
C ALA B 116 -10.94 -10.68 -18.96
N LEU B 117 -11.32 -10.17 -20.13
CA LEU B 117 -12.04 -8.90 -20.17
C LEU B 117 -13.36 -9.00 -19.42
N THR B 118 -14.01 -10.16 -19.50
CA THR B 118 -15.25 -10.39 -18.76
C THR B 118 -15.00 -10.41 -17.25
N LYS B 119 -13.83 -10.91 -16.81
CA LYS B 119 -13.48 -10.88 -15.40
C LYS B 119 -13.12 -9.47 -14.93
N TYR B 120 -12.33 -8.75 -15.73
CA TYR B 120 -12.03 -7.35 -15.40
C TYR B 120 -13.30 -6.53 -15.31
N LYS B 121 -14.23 -6.71 -16.26
CA LYS B 121 -15.51 -6.02 -16.23
C LYS B 121 -16.25 -6.25 -14.91
N ALA B 122 -16.46 -7.53 -14.53
CA ALA B 122 -17.16 -7.83 -13.29
C ALA B 122 -16.41 -7.30 -12.06
N LEU B 123 -15.08 -7.39 -12.08
CA LEU B 123 -14.30 -6.89 -10.95
C LEU B 123 -14.47 -5.38 -10.80
N GLN B 124 -14.33 -4.64 -11.91
CA GLN B 124 -14.36 -3.18 -11.82
C GLN B 124 -15.77 -2.63 -11.66
N GLU B 125 -16.76 -3.21 -12.35
CA GLU B 125 -18.05 -2.56 -12.39
C GLU B 125 -19.00 -3.05 -11.30
N GLU B 126 -18.97 -4.35 -10.99
CA GLU B 126 -19.89 -4.93 -10.03
C GLU B 126 -19.25 -5.14 -8.66
N ASP B 127 -18.05 -5.72 -8.63
CA ASP B 127 -17.44 -6.10 -7.36
C ASP B 127 -16.92 -4.89 -6.59
N MET B 128 -16.26 -3.96 -7.28
CA MET B 128 -15.61 -2.85 -6.62
C MET B 128 -16.26 -1.51 -6.94
N LYS B 129 -17.21 -1.47 -7.87
CA LYS B 129 -17.94 -0.24 -8.20
C LYS B 129 -16.98 0.89 -8.51
N LEU B 130 -16.02 0.61 -9.39
CA LEU B 130 -14.96 1.56 -9.70
C LEU B 130 -15.33 2.52 -10.81
N LEU B 131 -16.38 2.24 -11.56
CA LEU B 131 -16.63 2.98 -12.78
C LEU B 131 -17.78 3.96 -12.64
N GLU B 132 -17.94 4.54 -11.45
CA GLU B 132 -18.96 5.55 -11.27
C GLU B 132 -18.47 6.97 -11.48
N ASN B 133 -17.15 7.20 -11.35
CA ASN B 133 -16.54 8.44 -11.82
C ASN B 133 -15.04 8.20 -11.94
N ASP B 134 -14.33 9.21 -12.43
CA ASP B 134 -12.90 9.05 -12.66
C ASP B 134 -12.15 8.81 -11.35
N ARG B 135 -12.57 9.50 -10.28
CA ARG B 135 -11.84 9.45 -9.03
C ARG B 135 -11.83 8.05 -8.43
N THR B 136 -12.95 7.32 -8.50
CA THR B 136 -12.97 5.99 -7.90
C THR B 136 -12.06 5.05 -8.68
N LEU B 137 -11.99 5.20 -10.00
CA LEU B 137 -11.11 4.34 -10.79
C LEU B 137 -9.64 4.68 -10.54
N PHE B 138 -9.32 5.98 -10.50
CA PHE B 138 -7.95 6.41 -10.19
C PHE B 138 -7.52 5.95 -8.80
N ASP B 139 -8.40 6.11 -7.80
CA ASP B 139 -8.04 5.73 -6.43
C ASP B 139 -7.77 4.23 -6.32
N TRP B 140 -8.34 3.43 -7.22
CA TRP B 140 -8.05 2.00 -7.24
C TRP B 140 -6.61 1.74 -7.64
N CYS B 141 -6.12 2.45 -8.69
CA CYS B 141 -4.72 2.30 -9.07
C CYS B 141 -3.78 2.90 -8.06
N SER B 142 -4.23 3.98 -7.40
CA SER B 142 -3.37 4.63 -6.43
C SER B 142 -3.18 3.75 -5.20
N LYS B 143 -4.18 2.96 -4.85
CA LYS B 143 -4.01 1.95 -3.80
C LYS B 143 -2.91 0.97 -4.17
N GLN B 144 -2.92 0.48 -5.43
CA GLN B 144 -1.82 -0.38 -5.87
C GLN B 144 -0.47 0.30 -5.64
N THR B 145 -0.37 1.59 -5.97
CA THR B 145 0.91 2.28 -5.83
C THR B 145 1.35 2.42 -4.37
N TYR B 146 0.40 2.41 -3.42
CA TYR B 146 0.80 2.44 -2.01
C TYR B 146 1.44 1.13 -1.59
N ILE B 147 1.16 0.04 -2.32
CA ILE B 147 1.90 -1.20 -2.10
C ILE B 147 3.35 -0.99 -2.50
N ALA B 148 3.56 -0.43 -3.69
CA ALA B 148 4.91 -0.13 -4.16
C ALA B 148 5.62 0.83 -3.20
N LEU B 149 4.89 1.83 -2.69
CA LEU B 149 5.46 2.74 -1.71
C LEU B 149 5.97 1.99 -0.48
N ALA B 150 5.12 1.13 0.09
CA ALA B 150 5.49 0.37 1.29
C ALA B 150 6.73 -0.49 1.07
N ASN B 151 6.83 -1.15 -0.08
CA ASN B 151 7.97 -2.03 -0.33
C ASN B 151 9.26 -1.24 -0.51
N MET B 152 9.18 -0.02 -1.08
CA MET B 152 10.36 0.82 -1.20
C MET B 152 10.84 1.29 0.16
N LEU B 153 9.92 1.63 1.07
CA LEU B 153 10.32 2.03 2.42
C LEU B 153 11.01 0.88 3.14
N THR B 154 10.43 -0.31 3.07
CA THR B 154 10.99 -1.47 3.75
C THR B 154 12.29 -1.97 3.09
N GLY B 155 12.34 -1.97 1.75
CA GLY B 155 13.57 -2.37 1.11
C GLY B 155 14.70 -1.42 1.42
N ALA B 156 14.39 -0.12 1.48
CA ALA B 156 15.38 0.89 1.83
C ALA B 156 15.90 0.69 3.26
N SER B 157 15.01 0.36 4.18
CA SER B 157 15.44 0.26 5.56
C SER B 157 16.26 -1.01 5.82
N ALA B 158 15.97 -2.08 5.08
CA ALA B 158 16.81 -3.26 5.16
C ALA B 158 18.19 -3.00 4.58
N LEU B 159 18.34 -1.99 3.73
CA LEU B 159 19.64 -1.55 3.24
C LEU B 159 20.28 -0.48 4.14
N GLY B 160 19.68 -0.18 5.29
CA GLY B 160 20.24 0.85 6.14
C GLY B 160 19.95 2.27 5.71
N ILE B 161 19.03 2.46 4.77
CA ILE B 161 18.71 3.77 4.21
C ILE B 161 17.37 4.22 4.76
N ASP B 162 17.32 5.44 5.28
CA ASP B 162 16.11 5.99 5.87
C ASP B 162 15.18 6.54 4.78
N SER B 163 13.93 6.81 5.16
CA SER B 163 12.91 7.23 4.23
C SER B 163 11.79 7.91 5.00
N CYS B 164 10.88 8.59 4.26
CA CYS B 164 9.64 9.14 4.79
C CYS B 164 8.59 9.22 3.70
N PRO B 165 7.45 8.54 3.85
CA PRO B 165 6.34 8.74 2.91
C PRO B 165 5.70 10.10 3.10
N ILE B 166 5.23 10.67 1.98
CA ILE B 166 4.80 12.07 1.94
C ILE B 166 3.47 12.17 1.19
N GLU B 167 2.49 12.76 1.86
CA GLU B 167 1.18 13.12 1.30
C GLU B 167 0.99 14.62 1.51
N GLY B 168 1.81 15.23 2.35
CA GLY B 168 1.65 16.64 2.72
C GLY B 168 2.04 17.60 1.64
N PHE B 169 1.21 17.75 0.62
CA PHE B 169 1.46 18.71 -0.48
C PHE B 169 0.17 18.98 -1.25
N HIS B 170 0.09 20.12 -1.89
CA HIS B 170 -1.09 20.47 -2.69
C HIS B 170 -1.06 19.62 -3.94
N TYR B 171 -1.97 18.70 -4.06
CA TYR B 171 -1.92 17.74 -5.16
C TYR B 171 -2.13 18.41 -6.52
N ASP B 172 -3.17 19.27 -6.61
CA ASP B 172 -3.45 19.99 -7.84
C ASP B 172 -2.23 20.74 -8.32
N LYS B 173 -1.51 21.38 -7.40
CA LYS B 173 -0.34 22.16 -7.79
C LYS B 173 0.87 21.29 -8.06
N MET B 174 0.95 20.12 -7.43
CA MET B 174 2.04 19.20 -7.73
C MET B 174 1.85 18.53 -9.08
N ASN B 175 0.61 18.17 -9.40
CA ASN B 175 0.29 17.63 -10.72
C ASN B 175 0.64 18.63 -11.81
N GLU B 176 0.25 19.89 -11.63
CA GLU B 176 0.53 20.91 -12.62
C GLU B 176 2.03 21.17 -12.74
N CYS B 177 2.72 21.31 -11.61
CA CYS B 177 4.14 21.62 -11.67
C CYS B 177 4.92 20.54 -12.41
N LEU B 178 4.62 19.27 -12.15
CA LEU B 178 5.38 18.19 -12.78
C LEU B 178 4.96 17.99 -14.23
N ALA B 179 3.68 18.27 -14.54
CA ALA B 179 3.23 18.15 -15.93
C ALA B 179 3.75 19.29 -16.79
N GLU B 180 4.01 20.45 -16.19
CA GLU B 180 4.56 21.56 -16.97
C GLU B 180 6.02 21.32 -17.32
N GLU B 181 6.75 20.58 -16.49
CA GLU B 181 8.06 20.12 -16.88
C GLU B 181 8.02 18.96 -17.88
N GLY B 182 6.84 18.61 -18.38
CA GLY B 182 6.73 17.54 -19.36
C GLY B 182 7.21 16.18 -18.89
N LEU B 183 6.95 15.82 -17.63
CA LEU B 183 7.45 14.56 -17.11
C LEU B 183 6.45 13.41 -17.27
N PHE B 184 5.17 13.72 -17.46
CA PHE B 184 4.17 12.72 -17.81
C PHE B 184 3.03 13.38 -18.55
N ASP B 185 2.19 12.56 -19.18
CA ASP B 185 1.01 13.05 -19.87
C ASP B 185 -0.09 13.21 -18.83
N PRO B 186 -0.51 14.45 -18.51
CA PRO B 186 -1.46 14.63 -17.39
C PRO B 186 -2.85 14.02 -17.63
N GLN B 187 -3.15 13.52 -18.82
CA GLN B 187 -4.41 12.80 -19.01
C GLN B 187 -4.23 11.29 -18.87
N GLU B 188 -2.98 10.82 -18.78
CA GLU B 188 -2.70 9.40 -18.59
C GLU B 188 -2.31 9.07 -17.15
N TYR B 189 -1.68 10.00 -16.45
CA TYR B 189 -1.18 9.76 -15.10
C TYR B 189 -1.45 10.99 -14.24
N ALA B 190 -1.54 10.75 -12.93
CA ALA B 190 -1.66 11.81 -11.93
C ALA B 190 -0.87 11.40 -10.69
N VAL B 191 -0.45 12.39 -9.89
CA VAL B 191 0.38 12.08 -8.74
C VAL B 191 -0.42 11.27 -7.73
N SER B 192 0.21 10.22 -7.19
CA SER B 192 -0.40 9.36 -6.20
C SER B 192 0.09 9.56 -4.76
N VAL B 193 1.41 9.57 -4.58
CA VAL B 193 2.04 9.67 -3.26
C VAL B 193 3.52 9.90 -3.53
N ALA B 194 4.25 10.40 -2.53
CA ALA B 194 5.68 10.66 -2.69
C ALA B 194 6.48 10.05 -1.53
N ALA B 195 7.81 10.11 -1.64
CA ALA B 195 8.67 9.57 -0.59
C ALA B 195 10.06 10.15 -0.71
N THR B 196 10.65 10.49 0.45
CA THR B 196 12.03 10.92 0.52
C THR B 196 12.91 9.78 1.04
N PHE B 197 14.18 9.81 0.66
CA PHE B 197 15.14 8.80 1.05
C PHE B 197 16.48 9.46 1.35
N GLY B 198 17.20 8.90 2.30
CA GLY B 198 18.49 9.44 2.68
C GLY B 198 18.97 8.78 3.97
N TYR B 199 19.87 9.46 4.65
CA TYR B 199 20.40 8.95 5.91
C TYR B 199 20.06 9.96 7.00
N ARG B 200 19.40 9.49 8.06
CA ARG B 200 18.86 10.39 9.05
C ARG B 200 19.96 11.15 9.79
N SER B 201 19.62 12.34 10.24
CA SER B 201 20.50 13.13 11.08
C SER B 201 20.13 13.05 12.55
N ARG B 202 18.94 12.54 12.88
CA ARG B 202 18.55 12.31 14.25
C ARG B 202 18.26 10.84 14.41
N ASP B 203 18.01 10.44 15.66
CA ASP B 203 17.77 9.01 15.95
C ASP B 203 16.29 8.68 15.92
N ILE B 204 16.01 7.42 15.63
CA ILE B 204 14.67 6.86 15.63
C ILE B 204 14.01 6.99 17.00
N ALA B 205 12.95 7.78 17.07
CA ALA B 205 12.04 7.74 18.21
C ALA B 205 11.19 6.49 18.15
N LYS B 206 10.56 6.16 19.28
CA LYS B 206 9.96 4.84 19.44
C LYS B 206 8.59 4.72 18.77
N LYS B 207 8.28 3.51 18.32
CA LYS B 207 7.00 3.24 17.69
C LYS B 207 5.87 3.61 18.64
N SER B 208 4.89 4.35 18.13
CA SER B 208 3.61 4.50 18.80
C SER B 208 2.55 3.94 17.87
N ARG B 209 1.96 2.79 18.26
CA ARG B 209 0.89 2.15 17.52
C ARG B 209 -0.19 1.67 18.47
N LYS B 210 -1.40 1.48 17.95
CA LYS B 210 -2.41 0.76 18.70
C LYS B 210 -1.93 -0.67 18.98
N GLY B 211 -2.46 -1.26 20.05
CA GLY B 211 -2.06 -2.61 20.42
C GLY B 211 -2.56 -3.65 19.45
N LEU B 212 -1.84 -4.79 19.37
CA LEU B 212 -2.30 -5.87 18.50
C LEU B 212 -3.69 -6.33 18.91
N ASP B 213 -4.00 -6.21 20.19
CA ASP B 213 -5.31 -6.60 20.68
C ASP B 213 -6.39 -5.61 20.26
N GLU B 214 -6.05 -4.34 19.99
CA GLU B 214 -7.09 -3.42 19.50
C GLU B 214 -7.32 -3.52 17.99
N VAL B 215 -6.30 -3.85 17.19
CA VAL B 215 -6.49 -3.82 15.73
C VAL B 215 -6.69 -5.19 15.09
N VAL B 216 -6.58 -6.29 15.84
CA VAL B 216 -6.82 -7.65 15.34
C VAL B 216 -8.10 -8.19 15.98
N LYS B 217 -9.03 -8.68 15.15
CA LYS B 217 -10.17 -9.45 15.65
C LYS B 217 -10.09 -10.86 15.07
N TRP B 218 -9.88 -11.84 15.96
CA TRP B 218 -9.83 -13.25 15.62
C TRP B 218 -11.23 -13.83 15.62
N VAL B 219 -11.58 -14.57 14.55
CA VAL B 219 -12.86 -15.24 14.43
C VAL B 219 -12.56 -16.72 14.28
N GLY B 220 -12.60 -17.46 15.37
CA GLY B 220 -12.43 -18.90 15.33
C GLY B 220 -13.70 -19.64 15.66
S SO4 C . 12.78 -9.70 -13.28
O1 SO4 C . 13.93 -9.95 -14.07
O2 SO4 C . 13.14 -8.89 -12.17
O3 SO4 C . 12.24 -10.91 -12.80
O4 SO4 C . 11.82 -9.05 -14.09
N1 FMN D . -4.80 -12.66 -7.19
C2 FMN D . -5.82 -13.51 -7.16
O2 FMN D . -5.64 -14.64 -7.51
N3 FMN D . -7.03 -13.15 -6.74
C4 FMN D . -7.22 -11.93 -6.33
O4 FMN D . -8.33 -11.70 -5.97
C4A FMN D . -6.18 -11.02 -6.35
N5 FMN D . -6.32 -9.78 -5.96
C5A FMN D . -5.28 -9.02 -5.76
C6 FMN D . -5.43 -7.83 -5.13
C7 FMN D . -4.35 -7.02 -4.96
C7M FMN D . -4.52 -5.83 -4.32
C8 FMN D . -3.13 -7.40 -5.40
C8M FMN D . -2.08 -6.59 -5.20
C9 FMN D . -2.99 -8.59 -6.03
C9A FMN D . -4.05 -9.41 -6.22
N10 FMN D . -3.91 -10.58 -6.83
C10 FMN D . -4.96 -11.41 -6.81
C1' FMN D . -2.60 -11.08 -7.30
C2' FMN D . -2.02 -10.42 -8.52
O2' FMN D . -2.72 -10.89 -9.61
C3' FMN D . -0.54 -10.72 -8.55
O3' FMN D . -0.03 -10.02 -7.51
C4' FMN D . 0.20 -10.10 -9.70
O4' FMN D . -0.35 -10.55 -10.90
C5' FMN D . 1.71 -10.39 -9.69
O5' FMN D . 2.08 -11.67 -9.47
P FMN D . 2.87 -11.98 -8.41
O1P FMN D . 4.10 -11.52 -8.80
O2P FMN D . 2.38 -11.35 -7.32
O3P FMN D . 2.73 -13.34 -8.30
N NIO E . 2.40 16.84 7.52
C1 NIO E . 2.58 15.75 8.42
C2 NIO E . 2.09 14.48 8.09
C3 NIO E . 1.39 14.30 6.91
C4 NIO E . 1.20 15.36 6.01
C5 NIO E . 1.71 16.62 6.32
C6 NIO E . 2.26 13.41 8.98
O1 NIO E . 2.80 13.59 10.09
O2 NIO E . 1.94 12.24 8.62
S SO4 F . 5.47 -1.56 20.24
O1 SO4 F . 6.02 -2.52 19.36
O2 SO4 F . 6.45 -0.57 20.53
O3 SO4 F . 5.07 -2.20 21.43
O4 SO4 F . 4.36 -0.92 19.64
N NIO G . -9.12 -12.52 -9.80
C1 NIO G . -7.75 -12.43 -10.10
C2 NIO G . -7.04 -11.28 -9.76
C3 NIO G . -7.69 -10.20 -9.17
C4 NIO G . -9.05 -10.28 -8.89
C5 NIO G . -9.77 -11.43 -9.19
C6 NIO G . -5.68 -11.17 -10.05
O1 NIO G . -5.04 -10.22 -9.55
O2 NIO G . -5.09 -12.10 -10.68
N1 FMN H . 5.13 12.50 7.46
C2 FMN H . 5.51 13.73 7.17
O2 FMN H . 6.29 14.28 7.88
N3 FMN H . 5.03 14.37 6.11
C4 FMN H . 4.19 13.76 5.32
O4 FMN H . 3.78 14.37 4.39
C4A FMN H . 3.78 12.50 5.61
N5 FMN H . 2.93 11.89 4.84
C5A FMN H . 2.72 10.60 4.97
C6 FMN H . 2.01 9.99 3.99
C7 FMN H . 1.77 8.66 4.08
C7M FMN H . 1.08 8.00 3.14
C8 FMN H . 2.25 8.00 5.14
C8M FMN H . 2.02 6.67 5.22
C9 FMN H . 2.96 8.64 6.11
C9A FMN H . 3.21 9.96 6.04
N10 FMN H . 3.90 10.60 6.96
C10 FMN H . 4.25 11.85 6.71
C1' FMN H . 4.53 9.95 8.11
C2' FMN H . 3.60 9.42 9.21
O2' FMN H . 3.28 10.45 10.04
C3' FMN H . 4.23 8.26 9.99
O3' FMN H . 4.20 7.19 9.12
C4' FMN H . 3.53 7.81 11.29
O4' FMN H . 3.39 8.87 12.16
C5' FMN H . 4.26 6.67 11.98
O5' FMN H . 5.63 6.81 12.19
P FMN H . 6.62 6.03 11.63
O1P FMN H . 6.54 4.83 12.23
O2P FMN H . 6.38 6.01 10.29
O3P FMN H . 7.61 6.82 12.03
#